data_3SGV
#
_entry.id   3SGV
#
_cell.length_a   63.139
_cell.length_b   69.004
_cell.length_c   112.561
_cell.angle_alpha   90.000
_cell.angle_beta   90.000
_cell.angle_gamma   90.000
#
_symmetry.space_group_name_H-M   'P 21 21 21'
#
loop_
_entity.id
_entity.type
_entity.pdbx_description
1 polymer 'Undecaprenyl pyrophosphate synthase'
2 non-polymer '2-{[3-(3,4-dimethylphenoxy)phenyl]carbamoyl}-4-nitrobenzoic acid'
3 water water
#
_entity_poly.entity_id   1
_entity_poly.type   'polypeptide(L)'
_entity_poly.pdbx_seq_one_letter_code
;MMLSATQPLSEKLPAHGCRHVAIIMDGNGRWAKKQGKIRAFGHKAGAKSVRRAVSFAANNGIEALTLYAFSSENWNRPAQ
EVSALMELFVWALDSEVKSLHRHNVRLRIIGDTSRFNSRLQERIRKSEALTAGNTGLTLNIAANYGGRWDIVQGVRQLAE
KVQQGNLQPDQIDEEMLNQHVCMHELAPVDLVIRTGGEHRISNFLLWQIAYAELYFTDVLWPDFDEQDFEGALNAFANRE
RRFGGTEPGDETA
;
_entity_poly.pdbx_strand_id   B,A
#
# COMPACT_ATOMS: atom_id res chain seq x y z
N LEU A 13 24.76 -6.22 7.08
CA LEU A 13 23.43 -5.60 7.43
C LEU A 13 23.49 -4.99 8.86
N PRO A 14 23.05 -3.73 9.03
CA PRO A 14 23.12 -3.01 10.32
C PRO A 14 22.25 -3.73 11.28
N ALA A 15 22.48 -3.56 12.59
CA ALA A 15 21.65 -4.28 13.58
C ALA A 15 20.18 -3.94 13.48
N HIS A 16 19.82 -2.77 13.02
CA HIS A 16 18.39 -2.46 12.90
C HIS A 16 17.70 -3.24 11.76
N GLY A 17 18.48 -3.79 10.84
CA GLY A 17 17.95 -4.59 9.74
C GLY A 17 17.31 -3.83 8.60
N CYS A 18 17.43 -2.49 8.52
CA CYS A 18 16.69 -1.76 7.55
CA CYS A 18 16.69 -1.73 7.50
C CYS A 18 17.65 -1.31 6.45
N ARG A 19 17.39 -1.69 5.22
CA ARG A 19 18.20 -1.22 4.10
C ARG A 19 17.62 0.02 3.49
N HIS A 20 16.29 0.13 3.43
CA HIS A 20 15.68 1.29 2.66
C HIS A 20 14.50 1.78 3.45
N VAL A 21 14.57 3.04 3.86
CA VAL A 21 13.51 3.74 4.60
C VAL A 21 12.88 4.82 3.71
N ALA A 22 11.53 4.87 3.76
CA ALA A 22 10.87 5.93 3.06
C ALA A 22 10.13 6.80 4.04
N ILE A 23 10.06 8.14 3.83
CA ILE A 23 9.44 9.01 4.84
C ILE A 23 8.46 9.98 4.16
N ILE A 24 7.20 10.02 4.69
CA ILE A 24 6.25 11.08 4.34
C ILE A 24 6.47 12.15 5.40
N MET A 25 7.03 13.29 5.00
CA MET A 25 7.52 14.30 5.97
C MET A 25 6.48 15.38 6.24
N ASP A 26 5.41 14.99 6.85
CA ASP A 26 4.30 15.94 7.11
C ASP A 26 4.40 16.62 8.44
N GLY A 27 3.82 17.83 8.49
CA GLY A 27 3.77 18.55 9.76
C GLY A 27 4.47 19.90 9.72
N ASN A 28 5.06 20.31 8.59
CA ASN A 28 5.81 21.57 8.54
C ASN A 28 4.87 22.78 8.68
N GLY A 29 3.75 22.74 8.01
CA GLY A 29 2.86 23.86 8.10
C GLY A 29 2.25 23.95 9.48
N ARG A 30 1.81 22.81 10.02
CA ARG A 30 1.29 22.85 11.42
C ARG A 30 2.34 23.35 12.39
N TRP A 31 3.56 22.95 12.20
CA TRP A 31 4.64 23.38 13.14
C TRP A 31 4.80 24.90 13.11
N ALA A 32 4.70 25.50 11.92
CA ALA A 32 4.81 26.97 11.78
C ALA A 32 3.56 27.63 12.42
N LYS A 33 2.37 27.09 12.14
CA LYS A 33 1.09 27.67 12.67
C LYS A 33 1.09 27.69 14.20
N LYS A 34 1.57 26.60 14.81
CA LYS A 34 1.57 26.48 16.31
C LYS A 34 2.33 27.59 16.99
N GLN A 35 3.31 28.12 16.28
CA GLN A 35 4.19 29.18 16.79
C GLN A 35 3.82 30.55 16.29
N GLY A 36 2.71 30.63 15.58
CA GLY A 36 2.32 31.94 15.07
C GLY A 36 3.24 32.41 13.95
N LYS A 37 3.87 31.47 13.24
CA LYS A 37 4.76 31.82 12.15
C LYS A 37 4.12 31.51 10.78
N ILE A 38 4.57 32.22 9.74
CA ILE A 38 4.06 31.91 8.41
C ILE A 38 4.75 30.64 7.85
N ARG A 39 4.15 30.11 6.80
CA ARG A 39 4.53 28.77 6.25
C ARG A 39 5.99 28.68 5.90
N ALA A 40 6.58 29.75 5.40
CA ALA A 40 7.98 29.70 5.01
C ALA A 40 8.89 29.31 6.16
N PHE A 41 8.53 29.70 7.40
CA PHE A 41 9.32 29.30 8.52
C PHE A 41 9.30 27.81 8.75
N GLY A 42 8.14 27.24 8.52
CA GLY A 42 8.02 25.77 8.61
C GLY A 42 8.80 25.06 7.51
N HIS A 43 8.82 25.65 6.33
CA HIS A 43 9.61 25.02 5.31
C HIS A 43 11.08 25.04 5.58
N LYS A 44 11.58 26.15 6.10
CA LYS A 44 12.99 26.25 6.47
C LYS A 44 13.32 25.29 7.59
N ALA A 45 12.41 25.15 8.58
CA ALA A 45 12.65 24.17 9.64
C ALA A 45 12.55 22.73 9.12
N GLY A 46 11.66 22.50 8.18
CA GLY A 46 11.51 21.18 7.50
C GLY A 46 12.76 20.81 6.71
N ALA A 47 13.35 21.80 6.03
CA ALA A 47 14.62 21.57 5.30
C ALA A 47 15.75 21.24 6.24
N LYS A 48 15.81 21.89 7.42
CA LYS A 48 16.86 21.53 8.34
CA LYS A 48 16.79 21.55 8.44
C LYS A 48 16.62 20.09 8.81
N SER A 49 15.34 19.70 9.00
CA SER A 49 15.07 18.31 9.44
C SER A 49 15.46 17.28 8.30
N VAL A 50 15.23 17.68 7.06
CA VAL A 50 15.70 16.80 5.94
C VAL A 50 17.23 16.59 5.99
N ARG A 51 17.99 17.66 6.14
CA ARG A 51 19.48 17.49 6.17
C ARG A 51 19.86 16.56 7.31
N ARG A 52 19.22 16.79 8.47
CA ARG A 52 19.51 16.00 9.65
C ARG A 52 19.17 14.51 9.42
N ALA A 53 18.01 14.26 8.76
CA ALA A 53 17.63 12.84 8.51
C ALA A 53 18.60 12.18 7.51
N VAL A 54 18.98 12.93 6.46
CA VAL A 54 19.93 12.42 5.42
C VAL A 54 21.24 12.04 6.12
N SER A 55 21.75 12.95 6.96
CA SER A 55 22.98 12.72 7.70
CA SER A 55 22.98 12.70 7.67
C SER A 55 22.84 11.49 8.61
N PHE A 56 21.71 11.40 9.29
CA PHE A 56 21.57 10.25 10.20
C PHE A 56 21.53 8.93 9.38
N ALA A 57 20.76 8.90 8.28
CA ALA A 57 20.66 7.64 7.49
C ALA A 57 22.05 7.28 6.95
N ALA A 58 22.77 8.29 6.46
CA ALA A 58 24.14 8.07 5.86
C ALA A 58 25.07 7.45 6.92
N ASN A 59 24.90 7.88 8.15
CA ASN A 59 25.75 7.46 9.28
C ASN A 59 25.32 6.17 10.00
N ASN A 60 24.16 5.65 9.61
CA ASN A 60 23.62 4.53 10.30
C ASN A 60 23.37 3.39 9.32
N GLY A 61 24.15 3.35 8.25
CA GLY A 61 24.19 2.15 7.41
C GLY A 61 22.99 1.91 6.51
N ILE A 62 22.09 2.88 6.42
CA ILE A 62 20.90 2.73 5.54
C ILE A 62 21.43 2.84 4.09
N GLU A 63 20.94 1.98 3.20
CA GLU A 63 21.37 2.03 1.80
C GLU A 63 20.63 3.09 1.04
N ALA A 64 19.33 3.27 1.33
CA ALA A 64 18.55 4.17 0.50
C ALA A 64 17.51 4.84 1.38
N LEU A 65 17.33 6.12 1.13
CA LEU A 65 16.35 6.93 1.90
C LEU A 65 15.50 7.63 0.83
N THR A 66 14.16 7.43 0.91
CA THR A 66 13.29 8.04 -0.13
C THR A 66 12.32 8.95 0.59
N LEU A 67 12.33 10.23 0.16
CA LEU A 67 11.55 11.28 0.88
C LEU A 67 10.46 11.86 0.01
N TYR A 68 9.27 11.98 0.59
CA TYR A 68 8.13 12.58 -0.06
C TYR A 68 7.79 13.84 0.85
N ALA A 69 7.56 14.92 0.26
CA ALA A 69 6.50 15.83 0.73
C ALA A 69 5.92 16.44 -0.51
N PHE A 70 6.77 16.85 -1.46
CA PHE A 70 6.26 17.19 -2.82
C PHE A 70 5.06 16.32 -3.39
N VAL A 82 2.66 23.81 -2.74
CA VAL A 82 3.61 23.25 -3.73
C VAL A 82 4.43 24.34 -4.42
N SER A 83 3.76 25.40 -4.88
CA SER A 83 4.45 26.47 -5.62
C SER A 83 5.59 27.05 -4.78
N ALA A 84 5.37 27.28 -3.47
CA ALA A 84 6.41 27.86 -2.60
C ALA A 84 7.57 26.88 -2.44
N LEU A 85 7.25 25.60 -2.21
CA LEU A 85 8.31 24.60 -2.10
C LEU A 85 9.01 24.35 -3.41
N MET A 86 8.32 24.60 -4.53
CA MET A 86 9.01 24.52 -5.83
C MET A 86 9.99 25.65 -6.04
N GLU A 87 9.60 26.85 -5.60
CA GLU A 87 10.51 27.96 -5.66
C GLU A 87 11.73 27.72 -4.76
N LEU A 88 11.49 27.14 -3.58
CA LEU A 88 12.60 26.69 -2.71
C LEU A 88 13.50 25.63 -3.36
N PHE A 89 12.89 24.63 -4.00
CA PHE A 89 13.56 23.51 -4.74
C PHE A 89 14.59 24.02 -5.73
N VAL A 90 14.18 25.00 -6.53
CA VAL A 90 15.02 25.53 -7.63
C VAL A 90 16.20 26.33 -7.08
N TRP A 91 15.87 27.32 -6.25
CA TRP A 91 16.88 27.93 -5.43
C TRP A 91 17.59 26.69 -4.79
N ALA A 92 17.58 26.58 -3.47
CA ALA A 92 18.43 25.63 -2.76
C ALA A 92 19.27 24.61 -3.56
N LEU A 93 18.74 24.10 -4.68
CA LEU A 93 19.22 22.83 -5.31
C LEU A 93 20.71 22.73 -5.43
N ASP A 94 21.30 23.81 -5.93
CA ASP A 94 22.73 23.83 -6.10
C ASP A 94 23.50 23.70 -4.81
N SER A 95 23.14 24.49 -3.80
CA SER A 95 23.86 24.48 -2.52
C SER A 95 23.59 23.16 -1.82
N GLU A 96 22.32 22.69 -1.92
CA GLU A 96 22.02 21.45 -1.24
C GLU A 96 22.79 20.30 -1.92
N VAL A 97 22.84 20.24 -3.28
CA VAL A 97 23.57 19.15 -3.95
C VAL A 97 25.05 19.19 -3.61
N LYS A 98 25.62 20.39 -3.44
CA LYS A 98 27.06 20.44 -3.12
C LYS A 98 27.31 19.78 -1.77
N SER A 99 26.46 20.06 -0.78
CA SER A 99 26.57 19.38 0.51
C SER A 99 26.31 17.89 0.40
N LEU A 100 25.31 17.46 -0.40
CA LEU A 100 25.16 15.99 -0.56
C LEU A 100 26.40 15.32 -1.14
N HIS A 101 26.99 16.02 -2.16
CA HIS A 101 28.12 15.45 -2.84
C HIS A 101 29.33 15.27 -1.85
N ARG A 102 29.50 16.29 -1.01
CA ARG A 102 30.52 16.27 0.00
C ARG A 102 30.27 15.20 1.10
N HIS A 103 29.04 14.67 1.19
CA HIS A 103 28.76 13.59 2.15
C HIS A 103 28.66 12.21 1.42
N ASN A 104 29.10 12.15 0.17
CA ASN A 104 29.13 10.88 -0.60
C ASN A 104 27.74 10.29 -0.83
N VAL A 105 26.76 11.19 -1.00
CA VAL A 105 25.37 10.79 -1.22
C VAL A 105 25.09 10.82 -2.71
N ARG A 106 24.40 9.74 -3.18
CA ARG A 106 24.01 9.66 -4.58
C ARG A 106 22.55 10.13 -4.63
N LEU A 107 22.31 11.20 -5.39
CA LEU A 107 20.96 11.83 -5.43
C LEU A 107 20.17 11.41 -6.69
N ARG A 108 18.91 11.03 -6.49
CA ARG A 108 18.00 10.83 -7.61
C ARG A 108 16.70 11.49 -7.36
N ILE A 109 16.09 12.02 -8.39
CA ILE A 109 14.74 12.54 -8.25
C ILE A 109 13.78 11.54 -8.90
N ILE A 110 12.72 11.12 -8.17
CA ILE A 110 11.76 10.23 -8.78
C ILE A 110 10.43 11.00 -8.92
N GLY A 111 9.70 10.73 -9.99
CA GLY A 111 8.40 11.42 -10.23
C GLY A 111 8.35 11.97 -11.67
N ASP A 112 7.26 12.62 -12.01
CA ASP A 112 7.11 13.13 -13.35
C ASP A 112 7.79 14.49 -13.52
N THR A 113 9.06 14.45 -13.88
CA THR A 113 9.86 15.66 -14.03
C THR A 113 9.67 16.32 -15.44
N SER A 114 9.01 15.61 -16.33
CA SER A 114 8.63 16.13 -17.67
C SER A 114 7.83 17.46 -17.54
N ARG A 115 7.21 17.65 -16.37
CA ARG A 115 6.38 18.83 -16.06
C ARG A 115 7.21 20.10 -15.86
N PHE A 116 8.46 19.91 -15.47
CA PHE A 116 9.43 20.96 -15.23
C PHE A 116 9.98 21.46 -16.61
N ASN A 117 10.28 22.75 -16.77
CA ASN A 117 10.78 23.25 -18.08
C ASN A 117 12.15 22.63 -18.42
N SER A 118 12.63 22.79 -19.67
CA SER A 118 13.84 22.06 -20.10
C SER A 118 15.13 22.52 -19.42
N ARG A 119 15.26 23.84 -19.15
CA ARG A 119 16.36 24.37 -18.31
C ARG A 119 16.24 23.75 -16.89
N LEU A 120 15.00 23.61 -16.42
CA LEU A 120 14.66 23.08 -15.09
CA LEU A 120 14.72 23.10 -15.07
C LEU A 120 15.05 21.59 -14.95
N GLN A 121 14.69 20.83 -15.96
CA GLN A 121 15.09 19.44 -16.07
C GLN A 121 16.62 19.29 -16.19
N GLU A 122 17.31 20.17 -16.93
CA GLU A 122 18.78 20.10 -17.08
C GLU A 122 19.55 20.17 -15.73
N ARG A 123 19.15 21.09 -14.90
CA ARG A 123 19.74 21.21 -13.57
C ARG A 123 19.56 20.02 -12.64
N ILE A 124 18.35 19.45 -12.62
CA ILE A 124 18.13 18.22 -11.88
C ILE A 124 19.06 17.21 -12.49
N ARG A 125 19.12 17.19 -13.83
CA ARG A 125 20.00 16.25 -14.46
C ARG A 125 21.49 16.43 -14.07
N LYS A 126 21.96 17.65 -13.98
CA LYS A 126 23.37 17.85 -13.65
C LYS A 126 23.66 17.43 -12.20
N SER A 127 22.67 17.60 -11.32
CA SER A 127 22.83 17.17 -9.94
C SER A 127 22.93 15.65 -9.80
N GLU A 128 22.06 14.98 -10.52
CA GLU A 128 22.11 13.51 -10.57
C GLU A 128 23.44 13.05 -11.15
N ALA A 129 23.91 13.73 -12.22
CA ALA A 129 25.07 13.27 -12.87
C ALA A 129 26.30 13.44 -11.93
N LEU A 130 26.36 14.58 -11.22
CA LEU A 130 27.47 14.87 -10.39
C LEU A 130 27.64 13.80 -9.32
N THR A 131 26.50 13.37 -8.76
CA THR A 131 26.57 12.47 -7.61
C THR A 131 26.46 11.01 -7.96
N ALA A 132 26.32 10.71 -9.25
CA ALA A 132 25.95 9.35 -9.67
C ALA A 132 27.05 8.31 -9.32
N GLY A 133 28.29 8.75 -9.17
CA GLY A 133 29.42 7.88 -8.80
C GLY A 133 29.63 7.73 -7.29
N ASN A 134 28.80 8.41 -6.51
CA ASN A 134 28.90 8.38 -5.04
C ASN A 134 28.49 7.03 -4.49
N THR A 135 29.19 6.59 -3.47
CA THR A 135 29.04 5.20 -3.03
C THR A 135 28.36 5.09 -1.67
N GLY A 136 27.92 6.22 -1.13
CA GLY A 136 27.23 6.29 0.16
C GLY A 136 25.71 6.12 0.03
N LEU A 137 25.00 6.77 0.88
CA LEU A 137 23.54 6.65 0.85
C LEU A 137 23.01 7.03 -0.54
N THR A 138 21.99 6.29 -1.01
CA THR A 138 21.22 6.79 -2.19
C THR A 138 19.94 7.49 -1.65
N LEU A 139 19.85 8.77 -1.96
CA LEU A 139 18.73 9.62 -1.50
C LEU A 139 17.85 9.83 -2.71
N ASN A 140 16.59 9.38 -2.61
CA ASN A 140 15.59 9.59 -3.66
C ASN A 140 14.63 10.65 -3.19
N ILE A 141 14.51 11.70 -3.96
CA ILE A 141 13.58 12.77 -3.61
C ILE A 141 12.36 12.69 -4.54
N ALA A 142 11.19 12.44 -3.99
CA ALA A 142 10.03 12.23 -4.80
C ALA A 142 9.40 13.53 -5.03
N ALA A 143 9.49 14.01 -6.28
CA ALA A 143 8.97 15.26 -6.78
C ALA A 143 8.02 15.11 -7.96
N ASN A 144 6.80 15.58 -7.73
CA ASN A 144 5.71 15.35 -8.66
C ASN A 144 5.54 13.86 -8.86
N TYR A 145 5.56 13.16 -7.70
CA TYR A 145 5.55 11.70 -7.71
C TYR A 145 4.21 11.27 -7.21
N GLY A 146 3.68 10.17 -7.80
CA GLY A 146 2.56 9.47 -7.10
C GLY A 146 2.73 7.98 -7.31
N GLY A 147 2.20 7.17 -6.37
CA GLY A 147 2.33 5.74 -6.44
C GLY A 147 1.51 5.22 -7.66
N ARG A 148 0.28 5.73 -7.90
CA ARG A 148 -0.48 5.32 -9.09
C ARG A 148 0.19 5.74 -10.41
N TRP A 149 0.73 6.96 -10.47
CA TRP A 149 1.54 7.36 -11.63
C TRP A 149 2.72 6.41 -11.90
N ASP A 150 3.43 6.00 -10.83
CA ASP A 150 4.64 5.18 -10.99
C ASP A 150 4.19 3.86 -11.62
N ILE A 151 3.12 3.26 -11.09
CA ILE A 151 2.62 2.00 -11.68
C ILE A 151 2.27 2.25 -13.14
N VAL A 152 1.51 3.30 -13.44
CA VAL A 152 1.07 3.54 -14.84
C VAL A 152 2.27 3.76 -15.76
N GLN A 153 3.32 4.50 -15.36
CA GLN A 153 4.48 4.61 -16.26
C GLN A 153 5.15 3.26 -16.57
N GLY A 154 5.17 2.39 -15.57
CA GLY A 154 5.76 1.04 -15.79
C GLY A 154 4.83 0.27 -16.78
N VAL A 155 3.54 0.36 -16.56
CA VAL A 155 2.54 -0.27 -17.50
C VAL A 155 2.72 0.22 -18.93
N ARG A 156 2.99 1.52 -19.07
CA ARG A 156 3.19 2.10 -20.41
C ARG A 156 4.45 1.55 -21.06
N GLN A 157 5.49 1.30 -20.27
CA GLN A 157 6.70 0.73 -20.82
C GLN A 157 6.39 -0.68 -21.36
N LEU A 158 5.59 -1.43 -20.58
CA LEU A 158 5.27 -2.83 -21.00
C LEU A 158 4.40 -2.77 -22.19
N ALA A 159 3.53 -1.78 -22.26
CA ALA A 159 2.63 -1.71 -23.42
C ALA A 159 3.34 -1.38 -24.68
N GLU A 160 4.37 -0.54 -24.54
CA GLU A 160 5.16 -0.23 -25.71
C GLU A 160 5.86 -1.48 -26.23
N LYS A 161 6.35 -2.31 -25.31
CA LYS A 161 7.08 -3.53 -25.74
C LYS A 161 6.10 -4.49 -26.38
N VAL A 162 4.91 -4.61 -25.81
CA VAL A 162 3.85 -5.40 -26.50
C VAL A 162 3.57 -4.89 -27.89
N GLN A 163 3.49 -3.58 -28.07
CA GLN A 163 3.12 -3.10 -29.39
C GLN A 163 4.21 -3.39 -30.43
N GLN A 164 5.46 -3.30 -29.98
CA GLN A 164 6.63 -3.64 -30.82
C GLN A 164 6.62 -5.12 -31.22
N GLY A 165 5.84 -5.96 -30.54
CA GLY A 165 5.85 -7.40 -30.73
C GLY A 165 7.07 -7.92 -29.96
N ASN A 166 7.66 -7.13 -29.06
CA ASN A 166 8.75 -7.66 -28.19
C ASN A 166 8.31 -8.46 -26.91
N LEU A 167 7.01 -8.48 -26.60
CA LEU A 167 6.49 -9.00 -25.29
C LEU A 167 5.06 -9.50 -25.48
N GLN A 168 4.79 -10.71 -25.02
CA GLN A 168 3.46 -11.32 -25.04
C GLN A 168 2.69 -10.94 -23.78
N PRO A 169 1.43 -10.51 -23.91
CA PRO A 169 0.68 -10.18 -22.66
C PRO A 169 0.79 -11.28 -21.61
N ASP A 170 0.72 -12.56 -22.00
CA ASP A 170 0.74 -13.65 -21.02
C ASP A 170 2.08 -13.89 -20.32
N GLN A 171 3.13 -13.23 -20.78
CA GLN A 171 4.45 -13.19 -20.11
C GLN A 171 4.54 -12.14 -19.00
N ILE A 172 3.58 -11.19 -18.92
CA ILE A 172 3.60 -10.14 -17.91
C ILE A 172 3.13 -10.70 -16.58
N ASP A 173 4.07 -10.66 -15.67
CA ASP A 173 3.83 -11.14 -14.31
C ASP A 173 4.31 -10.09 -13.30
N GLU A 174 4.10 -10.39 -12.02
CA GLU A 174 4.48 -9.42 -11.00
C GLU A 174 5.94 -9.09 -11.05
N GLU A 175 6.80 -10.08 -11.31
CA GLU A 175 8.20 -9.78 -11.30
C GLU A 175 8.53 -8.82 -12.41
N MET A 176 7.89 -9.02 -13.57
CA MET A 176 8.16 -8.17 -14.73
C MET A 176 7.73 -6.75 -14.46
N LEU A 177 6.49 -6.56 -13.93
CA LEU A 177 6.08 -5.19 -13.62
C LEU A 177 6.95 -4.61 -12.52
N ASN A 178 7.41 -5.41 -11.55
CA ASN A 178 8.30 -4.90 -10.51
C ASN A 178 9.58 -4.28 -11.09
N GLN A 179 10.04 -4.86 -12.20
CA GLN A 179 11.32 -4.41 -12.76
C GLN A 179 11.09 -3.14 -13.58
N HIS A 180 9.85 -2.66 -13.66
CA HIS A 180 9.57 -1.38 -14.36
C HIS A 180 9.05 -0.23 -13.50
N VAL A 181 8.98 -0.40 -12.18
CA VAL A 181 8.55 0.67 -11.30
C VAL A 181 9.74 1.35 -10.68
N CYS A 182 9.51 2.58 -10.15
CA CYS A 182 10.66 3.37 -9.65
C CYS A 182 11.38 2.57 -8.57
N MET A 183 12.71 2.67 -8.58
CA MET A 183 13.60 2.14 -7.51
C MET A 183 13.68 0.61 -7.51
N HIS A 184 13.32 -0.07 -8.60
CA HIS A 184 13.36 -1.49 -8.62
C HIS A 184 14.77 -2.03 -8.47
N GLU A 185 15.76 -1.23 -8.80
CA GLU A 185 17.13 -1.72 -8.61
C GLU A 185 17.75 -1.49 -7.22
N LEU A 186 17.03 -0.81 -6.37
CA LEU A 186 17.53 -0.66 -5.00
C LEU A 186 16.86 -1.72 -4.10
N ALA A 187 17.43 -1.80 -2.85
CA ALA A 187 16.81 -2.74 -1.93
C ALA A 187 15.32 -2.44 -1.77
N PRO A 188 14.47 -3.43 -1.52
CA PRO A 188 13.08 -3.13 -1.23
C PRO A 188 12.89 -2.22 -0.07
N VAL A 189 11.83 -1.44 -0.12
CA VAL A 189 11.49 -0.56 1.07
C VAL A 189 11.10 -1.44 2.26
N ASP A 190 11.80 -1.24 3.37
CA ASP A 190 11.59 -2.03 4.56
C ASP A 190 10.62 -1.29 5.48
N LEU A 191 10.72 0.03 5.51
CA LEU A 191 10.05 0.83 6.58
C LEU A 191 9.55 2.08 5.95
N VAL A 192 8.27 2.45 6.19
CA VAL A 192 7.75 3.77 5.78
C VAL A 192 7.42 4.49 7.06
N ILE A 193 7.96 5.71 7.25
CA ILE A 193 7.68 6.54 8.44
C ILE A 193 6.80 7.64 7.92
N ARG A 194 5.71 7.90 8.65
CA ARG A 194 4.97 9.15 8.32
C ARG A 194 4.85 9.99 9.59
N THR A 195 5.33 11.24 9.53
CA THR A 195 5.24 12.14 10.67
C THR A 195 4.02 13.00 10.53
N GLY A 196 3.66 13.71 11.57
CA GLY A 196 2.56 14.71 11.41
C GLY A 196 1.22 14.25 11.89
N GLY A 197 1.08 12.94 12.18
CA GLY A 197 -0.18 12.50 12.88
C GLY A 197 -1.21 11.83 11.95
N GLU A 198 -1.13 12.01 10.62
CA GLU A 198 -2.09 11.34 9.77
C GLU A 198 -1.68 9.91 9.47
N HIS A 199 -2.72 9.06 9.28
CA HIS A 199 -2.43 7.61 9.10
C HIS A 199 -2.87 7.16 7.73
N ARG A 200 -2.16 7.65 6.71
CA ARG A 200 -2.46 7.32 5.32
C ARG A 200 -1.21 7.37 4.51
N ILE A 201 -1.24 6.78 3.33
CA ILE A 201 -0.02 6.76 2.45
C ILE A 201 -0.12 7.92 1.45
N SER A 202 -1.35 8.47 1.22
CA SER A 202 -1.46 9.71 0.39
C SER A 202 -0.79 9.52 -0.97
N ASN A 203 -0.98 8.34 -1.55
CA ASN A 203 -0.47 8.12 -2.94
C ASN A 203 1.01 8.37 -3.05
N PHE A 204 1.77 8.11 -1.98
CA PHE A 204 3.20 7.91 -2.07
C PHE A 204 3.37 6.52 -2.65
N LEU A 205 4.44 5.83 -2.35
CA LEU A 205 4.75 4.48 -2.89
C LEU A 205 3.63 3.58 -2.59
N LEU A 206 3.19 2.84 -3.60
CA LEU A 206 2.10 1.85 -3.40
C LEU A 206 2.59 0.47 -3.70
N TRP A 207 3.00 0.24 -4.97
CA TRP A 207 3.49 -1.11 -5.27
C TRP A 207 4.66 -1.53 -4.37
N GLN A 208 5.56 -0.58 -4.12
CA GLN A 208 6.78 -0.88 -3.35
C GLN A 208 6.55 -1.08 -1.86
N ILE A 209 5.40 -0.74 -1.32
CA ILE A 209 5.24 -0.94 0.14
C ILE A 209 4.39 -2.11 0.51
N ALA A 210 4.16 -3.01 -0.45
CA ALA A 210 3.31 -4.23 -0.25
C ALA A 210 3.75 -5.00 1.01
N TYR A 211 5.06 -4.98 1.35
CA TYR A 211 5.49 -5.76 2.50
C TYR A 211 6.24 -4.91 3.53
N ALA A 212 6.18 -3.56 3.42
CA ALA A 212 6.92 -2.73 4.33
C ALA A 212 6.27 -2.55 5.67
N GLU A 213 7.06 -2.35 6.73
CA GLU A 213 6.49 -1.98 8.00
C GLU A 213 6.07 -0.50 7.90
N LEU A 214 4.93 -0.15 8.47
CA LEU A 214 4.40 1.25 8.40
C LEU A 214 4.44 1.80 9.79
N TYR A 215 5.12 2.93 9.95
CA TYR A 215 5.28 3.53 11.30
C TYR A 215 4.76 4.94 11.26
N PHE A 216 3.76 5.23 12.11
CA PHE A 216 3.16 6.60 12.13
C PHE A 216 3.51 7.20 13.44
N THR A 217 4.02 8.44 13.36
CA THR A 217 4.24 9.21 14.56
C THR A 217 3.54 10.60 14.52
N ASP A 218 3.07 11.07 15.70
CA ASP A 218 2.46 12.39 15.73
C ASP A 218 3.51 13.51 15.73
N VAL A 219 4.78 13.19 15.94
CA VAL A 219 5.81 14.25 15.89
C VAL A 219 5.78 14.96 14.54
N LEU A 220 5.81 16.29 14.59
CA LEU A 220 5.79 17.04 13.29
C LEU A 220 7.17 16.97 12.62
N TRP A 221 7.20 17.03 11.30
CA TRP A 221 8.51 16.80 10.62
C TRP A 221 9.68 17.71 11.10
N PRO A 222 9.45 19.03 11.32
CA PRO A 222 10.63 19.84 11.78
C PRO A 222 11.18 19.37 13.11
N ASP A 223 10.37 18.67 13.96
CA ASP A 223 10.82 18.21 15.28
C ASP A 223 11.37 16.77 15.24
N PHE A 224 11.19 16.06 14.09
CA PHE A 224 11.60 14.63 13.99
C PHE A 224 13.12 14.61 13.89
N ASP A 225 13.80 14.16 14.94
CA ASP A 225 15.28 14.24 15.02
C ASP A 225 15.92 12.88 15.07
N GLU A 226 17.24 12.87 15.36
CA GLU A 226 17.94 11.61 15.26
C GLU A 226 17.40 10.59 16.23
N GLN A 227 16.98 11.01 17.40
CA GLN A 227 16.42 10.07 18.35
C GLN A 227 15.07 9.51 17.86
N ASP A 228 14.26 10.37 17.22
CA ASP A 228 13.01 9.85 16.65
C ASP A 228 13.31 8.83 15.51
N PHE A 229 14.32 9.09 14.70
CA PHE A 229 14.65 8.17 13.60
C PHE A 229 15.21 6.86 14.23
N GLU A 230 16.08 7.02 15.21
CA GLU A 230 16.57 5.82 15.94
C GLU A 230 15.39 5.06 16.52
N GLY A 231 14.38 5.75 17.09
CA GLY A 231 13.21 5.08 17.62
C GLY A 231 12.50 4.22 16.60
N ALA A 232 12.34 4.78 15.38
CA ALA A 232 11.58 4.09 14.36
C ALA A 232 12.37 2.88 13.88
N LEU A 233 13.67 3.04 13.74
CA LEU A 233 14.53 1.88 13.36
C LEU A 233 14.49 0.81 14.38
N ASN A 234 14.50 1.17 15.67
CA ASN A 234 14.55 0.10 16.66
C ASN A 234 13.16 -0.54 16.77
N ALA A 235 12.10 0.22 16.54
CA ALA A 235 10.78 -0.40 16.48
C ALA A 235 10.75 -1.42 15.33
N PHE A 236 11.32 -1.06 14.20
CA PHE A 236 11.37 -1.96 13.07
C PHE A 236 12.12 -3.26 13.49
N ALA A 237 13.27 -3.06 14.15
CA ALA A 237 14.13 -4.19 14.47
C ALA A 237 13.35 -5.15 15.38
N ASN A 238 12.61 -4.57 16.33
CA ASN A 238 11.93 -5.40 17.27
C ASN A 238 10.65 -6.06 16.71
N ARG A 239 10.03 -5.37 15.78
CA ARG A 239 8.74 -5.89 15.23
C ARG A 239 8.99 -6.86 14.09
N GLU A 240 10.03 -6.63 13.27
CA GLU A 240 10.45 -7.59 12.26
C GLU A 240 10.89 -8.88 12.95
N GLY B 17 -19.40 9.62 6.65
CA GLY B 17 -18.58 9.61 5.43
C GLY B 17 -17.93 8.26 5.09
N CYS B 18 -17.90 7.26 5.97
CA CYS B 18 -17.11 5.96 5.68
C CYS B 18 -17.95 4.95 4.86
N ARG B 19 -17.63 4.82 3.60
CA ARG B 19 -18.51 4.05 2.65
C ARG B 19 -17.94 2.66 2.39
N HIS B 20 -16.62 2.46 2.52
CA HIS B 20 -16.09 1.16 2.10
C HIS B 20 -14.96 0.89 3.08
N VAL B 21 -15.08 -0.21 3.80
CA VAL B 21 -14.07 -0.59 4.81
C VAL B 21 -13.40 -1.89 4.33
N ALA B 22 -12.08 -2.03 4.49
CA ALA B 22 -11.46 -3.31 4.13
C ALA B 22 -10.73 -3.75 5.43
N ILE B 23 -10.77 -5.05 5.68
CA ILE B 23 -10.16 -5.52 6.95
C ILE B 23 -9.21 -6.68 6.66
N ILE B 24 -8.02 -6.54 7.25
CA ILE B 24 -7.09 -7.65 7.29
C ILE B 24 -7.30 -8.34 8.63
N MET B 25 -7.85 -9.55 8.59
CA MET B 25 -8.38 -10.20 9.82
C MET B 25 -7.30 -11.13 10.40
N ASP B 26 -6.33 -10.61 11.09
CA ASP B 26 -5.21 -11.40 11.61
CA ASP B 26 -5.26 -11.44 11.61
C ASP B 26 -5.51 -11.70 13.09
N GLY B 27 -5.13 -12.89 13.53
CA GLY B 27 -5.09 -13.15 14.97
C GLY B 27 -5.79 -14.47 15.37
N ASN B 28 -6.44 -15.17 14.42
CA ASN B 28 -7.13 -16.44 14.82
C ASN B 28 -6.15 -17.44 15.44
N GLY B 29 -4.93 -17.57 14.84
CA GLY B 29 -3.92 -18.58 15.31
C GLY B 29 -3.45 -18.27 16.70
N ARG B 30 -3.05 -17.00 16.89
CA ARG B 30 -2.58 -16.60 18.20
C ARG B 30 -3.67 -16.68 19.21
N TRP B 31 -4.91 -16.38 18.81
CA TRP B 31 -6.04 -16.47 19.74
C TRP B 31 -6.21 -17.89 20.26
N ALA B 32 -6.05 -18.87 19.36
CA ALA B 32 -6.33 -20.26 19.75
C ALA B 32 -5.19 -20.74 20.61
N LYS B 33 -4.00 -20.25 20.29
CA LYS B 33 -2.84 -20.67 21.08
C LYS B 33 -2.95 -20.14 22.50
N LYS B 34 -3.40 -18.89 22.65
CA LYS B 34 -3.60 -18.29 24.01
C LYS B 34 -4.64 -19.06 24.83
N GLN B 35 -5.71 -19.52 24.17
CA GLN B 35 -6.72 -20.41 24.75
C GLN B 35 -6.25 -21.86 25.03
N GLY B 36 -5.00 -22.22 24.69
CA GLY B 36 -4.50 -23.61 24.75
C GLY B 36 -5.22 -24.62 23.85
N LYS B 37 -5.59 -24.17 22.65
CA LYS B 37 -6.48 -24.92 21.76
C LYS B 37 -5.80 -25.04 20.39
N ILE B 38 -6.31 -25.95 19.57
CA ILE B 38 -5.75 -26.12 18.21
C ILE B 38 -6.22 -25.00 17.31
N ARG B 39 -5.52 -24.80 16.20
CA ARG B 39 -5.81 -23.72 15.26
C ARG B 39 -7.30 -23.68 14.81
N ALA B 40 -7.88 -24.87 14.57
CA ALA B 40 -9.27 -24.96 14.09
C ALA B 40 -10.27 -24.32 15.03
N PHE B 41 -9.97 -24.36 16.32
CA PHE B 41 -10.75 -23.64 17.32
C PHE B 41 -10.70 -22.13 17.11
N GLY B 42 -9.50 -21.62 16.73
CA GLY B 42 -9.31 -20.21 16.46
C GLY B 42 -10.12 -19.83 15.24
N HIS B 43 -10.10 -20.68 14.23
CA HIS B 43 -10.80 -20.36 13.00
C HIS B 43 -12.33 -20.42 13.17
N LYS B 44 -12.83 -21.33 13.98
CA LYS B 44 -14.28 -21.28 14.25
C LYS B 44 -14.67 -19.94 14.93
N ALA B 45 -13.88 -19.48 15.90
CA ALA B 45 -14.21 -18.20 16.53
C ALA B 45 -13.98 -17.08 15.51
N GLY B 46 -12.98 -17.25 14.63
CA GLY B 46 -12.66 -16.25 13.54
C GLY B 46 -13.94 -16.08 12.66
N ALA B 47 -14.60 -17.23 12.36
CA ALA B 47 -15.75 -17.16 11.44
C ALA B 47 -16.90 -16.48 12.18
N LYS B 48 -17.03 -16.73 13.51
CA LYS B 48 -18.04 -15.99 14.26
C LYS B 48 -17.82 -14.47 14.15
N SER B 49 -16.57 -14.08 14.24
CA SER B 49 -16.25 -12.65 14.19
C SER B 49 -16.49 -12.09 12.76
N VAL B 50 -16.26 -12.93 11.73
CA VAL B 50 -16.64 -12.50 10.37
C VAL B 50 -18.14 -12.18 10.32
N ARG B 51 -18.97 -13.12 10.80
CA ARG B 51 -20.42 -12.91 10.74
C ARG B 51 -20.81 -11.61 11.48
N ARG B 52 -20.23 -11.40 12.69
CA ARG B 52 -20.51 -10.22 13.47
C ARG B 52 -20.10 -8.92 12.74
N ALA B 53 -18.97 -8.93 12.04
CA ALA B 53 -18.55 -7.72 11.38
C ALA B 53 -19.42 -7.41 10.17
N VAL B 54 -19.78 -8.47 9.42
CA VAL B 54 -20.68 -8.27 8.26
C VAL B 54 -22.01 -7.68 8.76
N SER B 55 -22.56 -8.24 9.86
CA SER B 55 -23.84 -7.78 10.36
C SER B 55 -23.71 -6.31 10.84
N PHE B 56 -22.59 -5.96 11.47
CA PHE B 56 -22.43 -4.60 11.96
C PHE B 56 -22.33 -3.69 10.78
N ALA B 57 -21.59 -4.04 9.73
CA ALA B 57 -21.54 -3.16 8.58
C ALA B 57 -22.83 -2.99 7.88
N ALA B 58 -23.58 -4.10 7.74
CA ALA B 58 -24.87 -3.94 7.06
C ALA B 58 -25.85 -3.12 7.90
N ASN B 59 -25.79 -3.21 9.21
CA ASN B 59 -26.76 -2.53 10.13
C ASN B 59 -26.39 -1.05 10.24
N ASN B 60 -25.16 -0.67 9.82
CA ASN B 60 -24.72 0.75 9.95
C ASN B 60 -24.51 1.48 8.65
N GLY B 61 -25.04 0.91 7.56
CA GLY B 61 -25.06 1.52 6.27
C GLY B 61 -23.77 1.71 5.52
N ILE B 62 -22.76 0.92 5.90
CA ILE B 62 -21.52 0.80 5.15
C ILE B 62 -21.94 0.22 3.80
N GLU B 63 -21.39 0.79 2.71
CA GLU B 63 -21.75 0.28 1.39
C GLU B 63 -20.97 -0.97 0.96
N ALA B 64 -19.72 -1.06 1.37
CA ALA B 64 -18.94 -2.20 0.92
C ALA B 64 -18.01 -2.58 2.03
N LEU B 65 -17.83 -3.88 2.18
CA LEU B 65 -16.90 -4.43 3.18
C LEU B 65 -16.02 -5.46 2.50
N THR B 66 -14.69 -5.36 2.59
CA THR B 66 -13.82 -6.22 1.85
C THR B 66 -12.90 -6.92 2.89
N LEU B 67 -12.95 -8.27 2.91
CA LEU B 67 -12.32 -9.00 4.00
C LEU B 67 -11.20 -9.89 3.47
N TYR B 68 -10.06 -9.80 4.16
CA TYR B 68 -8.85 -10.53 3.74
C TYR B 68 -8.45 -11.39 4.98
N ALA B 69 -8.26 -12.68 4.76
CA ALA B 69 -7.97 -13.67 5.86
C ALA B 69 -6.71 -14.48 5.66
N PHE B 70 -6.01 -14.21 4.55
CA PHE B 70 -4.93 -15.10 4.14
C PHE B 70 -3.67 -15.05 5.01
N SER B 71 -3.17 -16.23 5.39
CA SER B 71 -1.86 -16.36 6.02
C SER B 71 -1.23 -17.61 5.39
N SER B 72 -0.01 -17.52 4.89
CA SER B 72 0.62 -18.74 4.30
C SER B 72 0.71 -19.90 5.32
N GLU B 73 0.87 -19.61 6.61
CA GLU B 73 0.86 -20.63 7.69
C GLU B 73 -0.31 -21.61 7.54
N ASN B 74 -1.51 -21.04 7.35
CA ASN B 74 -2.73 -21.86 7.24
C ASN B 74 -2.74 -22.77 6.01
N TRP B 75 -1.93 -22.46 4.99
CA TRP B 75 -2.01 -23.19 3.71
C TRP B 75 -0.77 -24.04 3.43
N ASN B 76 0.25 -23.93 4.28
CA ASN B 76 1.46 -24.75 4.10
C ASN B 76 1.24 -26.16 4.69
N ARG B 77 0.48 -26.96 3.95
CA ARG B 77 -0.08 -28.25 4.39
C ARG B 77 0.02 -29.24 3.22
N PRO B 78 -0.12 -30.55 3.48
CA PRO B 78 -0.09 -31.49 2.33
C PRO B 78 -1.28 -31.24 1.40
N ALA B 79 -1.18 -31.70 0.14
CA ALA B 79 -2.19 -31.37 -0.87
C ALA B 79 -3.58 -31.79 -0.43
N GLN B 80 -3.68 -32.96 0.21
CA GLN B 80 -4.98 -33.50 0.66
C GLN B 80 -5.71 -32.49 1.54
N GLU B 81 -4.96 -31.86 2.46
CA GLU B 81 -5.50 -30.92 3.43
C GLU B 81 -5.85 -29.61 2.73
N VAL B 82 -5.02 -29.16 1.80
CA VAL B 82 -5.35 -27.95 1.00
C VAL B 82 -6.64 -28.14 0.20
N SER B 83 -6.80 -29.26 -0.52
CA SER B 83 -8.07 -29.46 -1.23
C SER B 83 -9.21 -29.46 -0.24
N ALA B 84 -8.99 -30.08 0.92
CA ALA B 84 -10.02 -30.12 1.98
C ALA B 84 -10.42 -28.73 2.48
N LEU B 85 -9.43 -27.85 2.68
CA LEU B 85 -9.75 -26.51 3.09
C LEU B 85 -10.55 -25.70 2.02
N MET B 86 -10.18 -25.90 0.76
CA MET B 86 -10.93 -25.30 -0.34
C MET B 86 -12.39 -25.71 -0.31
N GLU B 87 -12.67 -26.97 -0.06
CA GLU B 87 -14.04 -27.45 0.01
C GLU B 87 -14.73 -26.80 1.18
N LEU B 88 -14.01 -26.62 2.31
CA LEU B 88 -14.61 -26.01 3.51
C LEU B 88 -14.90 -24.53 3.28
N PHE B 89 -14.03 -23.83 2.55
CA PHE B 89 -14.34 -22.46 2.18
C PHE B 89 -15.62 -22.37 1.42
N VAL B 90 -15.77 -23.18 0.37
CA VAL B 90 -17.00 -23.08 -0.44
C VAL B 90 -18.21 -23.54 0.41
N TRP B 91 -18.01 -24.52 1.29
CA TRP B 91 -19.07 -24.91 2.21
C TRP B 91 -19.52 -23.74 3.07
N ALA B 92 -18.56 -22.95 3.55
CA ALA B 92 -18.82 -21.80 4.40
C ALA B 92 -19.65 -20.77 3.59
N LEU B 93 -19.23 -20.53 2.36
CA LEU B 93 -19.98 -19.62 1.50
C LEU B 93 -21.39 -20.17 1.27
N ASP B 94 -21.47 -21.45 0.90
CA ASP B 94 -22.77 -22.07 0.62
C ASP B 94 -23.69 -21.98 1.86
N SER B 95 -23.11 -22.16 3.05
CA SER B 95 -23.92 -22.23 4.27
C SER B 95 -24.36 -20.80 4.76
N GLU B 96 -23.78 -19.73 4.21
CA GLU B 96 -24.15 -18.37 4.61
C GLU B 96 -24.94 -17.62 3.58
N VAL B 97 -24.88 -18.09 2.32
CA VAL B 97 -25.34 -17.23 1.22
C VAL B 97 -26.88 -16.99 1.29
N LYS B 98 -27.65 -17.97 1.78
CA LYS B 98 -29.08 -17.74 1.80
C LYS B 98 -29.41 -16.62 2.78
N SER B 99 -28.76 -16.61 3.94
CA SER B 99 -28.87 -15.47 4.87
C SER B 99 -28.43 -14.14 4.31
N LEU B 100 -27.27 -14.13 3.67
CA LEU B 100 -26.81 -12.88 3.06
C LEU B 100 -27.82 -12.37 2.04
N HIS B 101 -28.41 -13.30 1.25
CA HIS B 101 -29.32 -12.92 0.23
C HIS B 101 -30.60 -12.32 0.82
N ARG B 102 -31.13 -12.97 1.85
CA ARG B 102 -32.31 -12.43 2.52
C ARG B 102 -32.03 -11.05 3.10
N HIS B 103 -30.77 -10.77 3.48
CA HIS B 103 -30.44 -9.43 3.99
C HIS B 103 -29.92 -8.46 2.89
N ASN B 104 -30.20 -8.80 1.64
CA ASN B 104 -29.95 -7.89 0.50
C ASN B 104 -28.49 -7.62 0.38
N VAL B 105 -27.63 -8.57 0.77
CA VAL B 105 -26.14 -8.40 0.64
C VAL B 105 -25.74 -8.96 -0.73
N ARG B 106 -24.86 -8.24 -1.44
CA ARG B 106 -24.27 -8.73 -2.68
CA ARG B 106 -24.31 -8.79 -2.68
C ARG B 106 -22.93 -9.37 -2.34
N LEU B 107 -22.73 -10.69 -2.61
CA LEU B 107 -21.47 -11.39 -2.28
C LEU B 107 -20.62 -11.45 -3.50
N ARG B 108 -19.38 -11.00 -3.39
CA ARG B 108 -18.41 -11.13 -4.52
C ARG B 108 -17.13 -11.74 -3.96
N ILE B 109 -16.49 -12.58 -4.77
CA ILE B 109 -15.17 -13.10 -4.39
C ILE B 109 -14.14 -12.33 -5.26
N ILE B 110 -13.06 -11.83 -4.64
CA ILE B 110 -12.01 -11.20 -5.40
C ILE B 110 -10.73 -12.06 -5.23
N GLY B 111 -9.95 -12.14 -6.31
CA GLY B 111 -8.83 -13.03 -6.22
C GLY B 111 -8.80 -14.02 -7.37
N ASP B 112 -7.76 -14.86 -7.36
CA ASP B 112 -7.52 -15.83 -8.46
C ASP B 112 -8.20 -17.13 -8.08
N THR B 113 -9.33 -17.35 -8.67
CA THR B 113 -10.10 -18.59 -8.37
C THR B 113 -9.80 -19.72 -9.31
N SER B 114 -8.81 -19.53 -10.18
CA SER B 114 -8.50 -20.55 -11.20
C SER B 114 -7.94 -21.80 -10.56
N ARG B 115 -7.56 -21.75 -9.28
CA ARG B 115 -6.95 -22.94 -8.60
C ARG B 115 -8.01 -23.92 -8.04
N PHE B 116 -9.24 -23.44 -7.85
CA PHE B 116 -10.36 -24.28 -7.46
C PHE B 116 -10.70 -25.24 -8.59
N ASN B 117 -11.17 -26.45 -8.30
CA ASN B 117 -11.71 -27.28 -9.36
C ASN B 117 -13.03 -26.74 -9.91
N SER B 118 -13.47 -27.32 -11.01
CA SER B 118 -14.62 -26.82 -11.75
C SER B 118 -15.85 -26.79 -10.85
N ARG B 119 -16.04 -27.86 -10.06
CA ARG B 119 -17.20 -27.91 -9.22
C ARG B 119 -17.24 -26.80 -8.17
N LEU B 120 -16.10 -26.56 -7.50
CA LEU B 120 -16.10 -25.46 -6.51
C LEU B 120 -16.17 -24.11 -7.23
N GLN B 121 -15.48 -23.95 -8.38
CA GLN B 121 -15.66 -22.67 -9.12
C GLN B 121 -17.13 -22.40 -9.42
N GLU B 122 -17.85 -23.42 -9.87
CA GLU B 122 -19.28 -23.23 -10.20
C GLU B 122 -20.07 -22.91 -8.97
N ARG B 123 -19.73 -23.52 -7.86
CA ARG B 123 -20.45 -23.18 -6.60
C ARG B 123 -20.22 -21.73 -6.18
N ILE B 124 -18.96 -21.24 -6.30
CA ILE B 124 -18.71 -19.85 -5.97
C ILE B 124 -19.51 -18.97 -6.94
N ARG B 125 -19.46 -19.30 -8.23
CA ARG B 125 -20.18 -18.42 -9.20
C ARG B 125 -21.71 -18.39 -8.89
N LYS B 126 -22.25 -19.52 -8.48
CA LYS B 126 -23.69 -19.60 -8.20
C LYS B 126 -24.04 -18.69 -7.04
N SER B 127 -23.24 -18.63 -6.00
CA SER B 127 -23.57 -17.73 -4.89
C SER B 127 -23.43 -16.27 -5.30
N GLU B 128 -22.42 -15.96 -6.08
CA GLU B 128 -22.30 -14.56 -6.62
C GLU B 128 -23.53 -14.22 -7.46
N ALA B 129 -23.92 -15.16 -8.35
CA ALA B 129 -25.02 -14.85 -9.27
C ALA B 129 -26.33 -14.70 -8.51
N LEU B 130 -26.51 -15.46 -7.43
CA LEU B 130 -27.77 -15.42 -6.68
C LEU B 130 -27.92 -14.01 -6.09
N THR B 131 -26.79 -13.42 -5.65
CA THR B 131 -26.94 -12.23 -4.87
C THR B 131 -26.58 -10.98 -5.70
N ALA B 132 -26.26 -11.14 -6.98
CA ALA B 132 -25.67 -10.02 -7.74
C ALA B 132 -26.64 -8.85 -7.91
N GLY B 133 -27.92 -9.15 -7.93
CA GLY B 133 -28.96 -8.09 -8.07
C GLY B 133 -29.21 -7.33 -6.77
N ASN B 134 -28.60 -7.77 -5.66
CA ASN B 134 -28.95 -7.14 -4.37
C ASN B 134 -28.35 -5.76 -4.24
N THR B 135 -29.04 -4.91 -3.46
CA THR B 135 -28.65 -3.51 -3.47
C THR B 135 -28.20 -2.99 -2.11
N GLY B 136 -27.97 -3.92 -1.20
CA GLY B 136 -27.49 -3.51 0.15
C GLY B 136 -25.97 -3.57 0.20
N LEU B 137 -25.45 -4.03 1.31
CA LEU B 137 -23.94 -4.07 1.46
C LEU B 137 -23.34 -4.97 0.37
N THR B 138 -22.24 -4.52 -0.22
CA THR B 138 -21.48 -5.44 -1.04
C THR B 138 -20.39 -6.02 -0.19
N LEU B 139 -20.34 -7.34 -0.09
CA LEU B 139 -19.34 -8.05 0.74
C LEU B 139 -18.36 -8.71 -0.22
N ASN B 140 -17.11 -8.22 -0.20
CA ASN B 140 -16.09 -8.84 -1.04
C ASN B 140 -15.22 -9.71 -0.17
N ILE B 141 -15.09 -10.98 -0.57
CA ILE B 141 -14.28 -11.98 0.18
C ILE B 141 -13.08 -12.28 -0.65
N ALA B 142 -11.85 -12.06 -0.14
CA ALA B 142 -10.59 -12.32 -0.91
C ALA B 142 -10.27 -13.77 -0.82
N ALA B 143 -10.10 -14.36 -2.00
CA ALA B 143 -9.60 -15.77 -2.10
C ALA B 143 -8.49 -15.78 -3.10
N ASN B 144 -7.28 -16.07 -2.58
CA ASN B 144 -6.03 -15.96 -3.36
C ASN B 144 -5.97 -14.63 -4.07
N TYR B 145 -6.14 -13.55 -3.31
CA TYR B 145 -6.02 -12.17 -3.78
C TYR B 145 -4.70 -11.61 -3.33
N GLY B 146 -4.08 -10.85 -4.21
CA GLY B 146 -2.91 -10.03 -3.80
C GLY B 146 -3.05 -8.75 -4.52
N GLY B 147 -2.55 -7.68 -3.86
CA GLY B 147 -2.67 -6.39 -4.50
C GLY B 147 -1.83 -6.25 -5.78
N ARG B 148 -0.65 -6.88 -5.75
CA ARG B 148 0.25 -6.87 -6.98
C ARG B 148 -0.39 -7.72 -8.06
N TRP B 149 -0.98 -8.88 -7.69
CA TRP B 149 -1.67 -9.69 -8.68
C TRP B 149 -2.83 -8.90 -9.34
N ASP B 150 -3.56 -8.14 -8.54
CA ASP B 150 -4.79 -7.49 -9.03
C ASP B 150 -4.32 -6.51 -10.10
N ILE B 151 -3.26 -5.78 -9.77
CA ILE B 151 -2.75 -4.79 -10.75
C ILE B 151 -2.33 -5.53 -12.00
N VAL B 152 -1.55 -6.60 -11.84
CA VAL B 152 -1.03 -7.33 -13.01
C VAL B 152 -2.17 -7.90 -13.88
N GLN B 153 -3.26 -8.42 -13.26
CA GLN B 153 -4.46 -8.88 -13.98
CA GLN B 153 -4.35 -8.89 -14.14
C GLN B 153 -4.97 -7.76 -14.94
N GLY B 154 -5.11 -6.53 -14.38
CA GLY B 154 -5.53 -5.39 -15.21
C GLY B 154 -4.56 -5.05 -16.32
N VAL B 155 -3.28 -5.11 -16.01
CA VAL B 155 -2.22 -4.81 -16.97
C VAL B 155 -2.30 -5.80 -18.11
N ARG B 156 -2.42 -7.10 -17.80
CA ARG B 156 -2.53 -8.09 -18.88
C ARG B 156 -3.74 -7.83 -19.77
N GLN B 157 -4.84 -7.34 -19.20
CA GLN B 157 -6.01 -6.99 -19.99
C GLN B 157 -5.66 -5.84 -20.95
N LEU B 158 -4.97 -4.84 -20.46
CA LEU B 158 -4.68 -3.69 -21.31
C LEU B 158 -3.67 -4.16 -22.36
N ALA B 159 -2.73 -5.03 -21.96
CA ALA B 159 -1.75 -5.53 -22.91
C ALA B 159 -2.41 -6.31 -24.05
N GLU B 160 -3.45 -7.09 -23.74
CA GLU B 160 -4.17 -7.81 -24.78
C GLU B 160 -4.79 -6.82 -25.81
N LYS B 161 -5.32 -5.71 -25.28
CA LYS B 161 -5.94 -4.69 -26.10
C LYS B 161 -4.92 -4.01 -27.01
N VAL B 162 -3.74 -3.74 -26.45
CA VAL B 162 -2.64 -3.14 -27.22
C VAL B 162 -2.26 -4.11 -28.32
N GLN B 163 -2.20 -5.41 -28.01
CA GLN B 163 -1.75 -6.38 -29.00
C GLN B 163 -2.74 -6.49 -30.16
N GLN B 164 -4.01 -6.40 -29.80
CA GLN B 164 -5.11 -6.51 -30.76
C GLN B 164 -5.26 -5.24 -31.57
N GLY B 165 -4.38 -4.26 -31.32
CA GLY B 165 -4.44 -2.92 -31.99
C GLY B 165 -5.60 -2.01 -31.58
N ASN B 166 -6.21 -2.29 -30.44
CA ASN B 166 -7.36 -1.50 -29.99
C ASN B 166 -7.02 -0.42 -28.96
N LEU B 167 -5.76 -0.34 -28.56
CA LEU B 167 -5.40 0.64 -27.55
C LEU B 167 -3.97 1.09 -27.80
N GLN B 168 -3.72 2.39 -27.69
CA GLN B 168 -2.32 2.85 -27.84
C GLN B 168 -1.66 2.96 -26.49
N PRO B 169 -0.36 2.63 -26.38
CA PRO B 169 0.29 2.71 -25.03
C PRO B 169 0.12 4.08 -24.36
N ASP B 170 0.18 5.14 -25.20
CA ASP B 170 0.03 6.54 -24.77
C ASP B 170 -1.29 6.85 -24.14
N GLN B 171 -2.30 6.08 -24.50
CA GLN B 171 -3.66 6.29 -24.03
C GLN B 171 -3.85 5.74 -22.61
N ILE B 172 -2.91 4.91 -22.13
CA ILE B 172 -3.10 4.28 -20.79
C ILE B 172 -2.85 5.30 -19.68
N ASP B 173 -3.86 5.57 -18.85
CA ASP B 173 -3.68 6.48 -17.71
C ASP B 173 -4.25 5.88 -16.47
N GLU B 174 -4.15 6.61 -15.36
CA GLU B 174 -4.70 6.09 -14.12
C GLU B 174 -6.17 5.69 -14.18
N GLU B 175 -7.04 6.51 -14.82
CA GLU B 175 -8.48 6.16 -14.85
C GLU B 175 -8.68 4.84 -15.63
N MET B 176 -7.86 4.65 -16.69
CA MET B 176 -7.97 3.43 -17.47
C MET B 176 -7.57 2.18 -16.69
N LEU B 177 -6.40 2.24 -16.08
CA LEU B 177 -5.98 1.13 -15.27
C LEU B 177 -6.96 0.91 -14.11
N ASN B 178 -7.51 1.98 -13.53
CA ASN B 178 -8.47 1.80 -12.43
C ASN B 178 -9.69 0.98 -12.83
N GLN B 179 -10.19 1.18 -14.06
CA GLN B 179 -11.31 0.45 -14.55
C GLN B 179 -11.05 -1.03 -14.80
N HIS B 180 -9.78 -1.45 -14.63
CA HIS B 180 -9.40 -2.84 -14.86
C HIS B 180 -8.90 -3.51 -13.57
N VAL B 181 -8.97 -2.82 -12.44
CA VAL B 181 -8.55 -3.47 -11.17
C VAL B 181 -9.77 -3.77 -10.36
N CYS B 182 -9.62 -4.68 -9.39
CA CYS B 182 -10.82 -5.11 -8.63
C CYS B 182 -11.51 -3.95 -7.95
N MET B 183 -12.85 -4.03 -7.94
CA MET B 183 -13.73 -3.17 -7.11
C MET B 183 -13.91 -1.78 -7.68
N HIS B 184 -13.55 -1.57 -8.94
CA HIS B 184 -13.72 -0.21 -9.50
C HIS B 184 -15.15 0.24 -9.61
N GLU B 185 -16.14 -0.66 -9.49
CA GLU B 185 -17.53 -0.27 -9.51
C GLU B 185 -18.01 0.27 -8.13
N LEU B 186 -17.20 0.09 -7.09
CA LEU B 186 -17.65 0.42 -5.72
C LEU B 186 -17.02 1.73 -5.24
N ALA B 187 -17.59 2.30 -4.19
CA ALA B 187 -17.02 3.47 -3.55
C ALA B 187 -15.53 3.17 -3.25
N PRO B 188 -14.68 4.19 -3.30
CA PRO B 188 -13.30 4.04 -2.99
C PRO B 188 -13.14 3.55 -1.54
N VAL B 189 -12.10 2.74 -1.36
CA VAL B 189 -11.77 2.29 0.06
C VAL B 189 -11.41 3.48 0.93
N ASP B 190 -12.19 3.64 1.97
CA ASP B 190 -12.03 4.76 2.93
C ASP B 190 -11.13 4.38 4.08
N LEU B 191 -11.17 3.12 4.52
CA LEU B 191 -10.59 2.73 5.79
C LEU B 191 -10.17 1.32 5.67
N VAL B 192 -8.90 1.08 6.01
CA VAL B 192 -8.38 -0.28 6.13
C VAL B 192 -8.11 -0.57 7.59
N ILE B 193 -8.65 -1.67 8.12
CA ILE B 193 -8.40 -2.05 9.52
C ILE B 193 -7.53 -3.27 9.46
N ARG B 194 -6.46 -3.29 10.29
CA ARG B 194 -5.73 -4.60 10.44
C ARG B 194 -5.67 -4.90 11.91
N THR B 195 -6.25 -6.03 12.23
CA THR B 195 -6.22 -6.61 13.61
C THR B 195 -4.99 -7.43 13.80
N GLY B 196 -4.69 -7.74 15.02
CA GLY B 196 -3.65 -8.72 15.34
C GLY B 196 -2.28 -8.17 15.58
N GLY B 197 -2.14 -6.85 15.45
CA GLY B 197 -0.92 -6.24 15.95
C GLY B 197 0.13 -5.90 14.91
N GLU B 198 0.06 -6.45 13.70
CA GLU B 198 1.18 -6.17 12.75
C GLU B 198 0.79 -4.86 12.02
N HIS B 199 1.84 -4.14 11.56
CA HIS B 199 1.62 -2.82 10.96
C HIS B 199 2.06 -2.82 9.50
N ARG B 200 1.38 -3.69 8.73
CA ARG B 200 1.78 -3.92 7.31
C ARG B 200 0.54 -4.20 6.56
N ILE B 201 0.62 -3.90 5.25
CA ILE B 201 -0.52 -4.22 4.31
C ILE B 201 -0.39 -5.67 3.81
N SER B 202 0.82 -6.25 3.75
CA SER B 202 1.04 -7.66 3.38
C SER B 202 0.38 -7.95 2.03
N ASN B 203 0.56 -7.02 1.07
CA ASN B 203 0.08 -7.28 -0.30
C ASN B 203 -1.42 -7.65 -0.36
N PHE B 204 -2.19 -7.06 0.56
CA PHE B 204 -3.66 -6.86 0.32
C PHE B 204 -3.79 -5.74 -0.67
N LEU B 205 -4.85 -4.94 -0.62
CA LEU B 205 -5.05 -3.87 -1.63
C LEU B 205 -3.87 -2.92 -1.65
N LEU B 206 -3.46 -2.55 -2.85
CA LEU B 206 -2.43 -1.53 -3.00
C LEU B 206 -2.96 -0.35 -3.81
N TRP B 207 -3.32 -0.58 -5.07
CA TRP B 207 -3.87 0.52 -5.90
C TRP B 207 -5.01 1.22 -5.19
N GLN B 208 -5.89 0.42 -4.54
CA GLN B 208 -7.13 0.95 -4.01
C GLN B 208 -6.97 1.69 -2.68
N ILE B 209 -5.78 1.58 -2.05
CA ILE B 209 -5.59 2.23 -0.73
C ILE B 209 -4.77 3.47 -0.71
N ALA B 210 -4.61 4.11 -1.88
CA ALA B 210 -3.80 5.29 -1.98
C ALA B 210 -4.20 6.39 -1.06
N TYR B 211 -5.49 6.53 -0.82
CA TYR B 211 -5.97 7.62 0.08
C TYR B 211 -6.76 7.12 1.28
N ALA B 212 -6.74 5.82 1.61
CA ALA B 212 -7.49 5.30 2.74
C ALA B 212 -6.84 5.57 4.09
N GLU B 213 -7.65 5.75 5.12
CA GLU B 213 -7.14 5.78 6.48
C GLU B 213 -6.71 4.36 6.80
N LEU B 214 -5.61 4.25 7.54
CA LEU B 214 -5.06 2.94 7.96
C LEU B 214 -5.14 2.86 9.47
N TYR B 215 -5.90 1.90 9.95
CA TYR B 215 -6.09 1.71 11.35
C TYR B 215 -5.64 0.35 11.85
N PHE B 216 -4.63 0.39 12.74
CA PHE B 216 -4.03 -0.85 13.19
C PHE B 216 -4.42 -1.01 14.70
N THR B 217 -4.86 -2.23 15.02
CA THR B 217 -5.26 -2.55 16.40
C THR B 217 -4.59 -3.85 16.79
N ASP B 218 -4.21 -3.92 18.08
CA ASP B 218 -3.61 -5.16 18.59
C ASP B 218 -4.66 -6.24 18.91
N VAL B 219 -5.93 -5.86 18.91
CA VAL B 219 -6.98 -6.86 19.17
C VAL B 219 -6.90 -8.01 18.18
N LEU B 220 -7.04 -9.24 18.66
CA LEU B 220 -6.96 -10.38 17.76
C LEU B 220 -8.29 -10.51 17.04
N TRP B 221 -8.26 -11.00 15.80
CA TRP B 221 -9.54 -11.03 15.01
C TRP B 221 -10.76 -11.70 15.75
N PRO B 222 -10.60 -12.84 16.44
CA PRO B 222 -11.79 -13.44 17.05
C PRO B 222 -12.46 -12.57 18.16
N ASP B 223 -11.65 -11.68 18.72
CA ASP B 223 -12.09 -10.74 19.78
C ASP B 223 -12.58 -9.39 19.21
N PHE B 224 -12.40 -9.13 17.90
CA PHE B 224 -12.74 -7.80 17.37
C PHE B 224 -14.25 -7.74 17.25
N ASP B 225 -14.86 -6.83 17.96
CA ASP B 225 -16.31 -6.73 18.07
C ASP B 225 -16.85 -5.38 17.63
N GLU B 226 -18.15 -5.15 17.90
CA GLU B 226 -18.76 -3.94 17.36
C GLU B 226 -18.14 -2.69 17.93
N GLN B 227 -17.73 -2.73 19.18
CA GLN B 227 -17.05 -1.55 19.79
C GLN B 227 -15.72 -1.26 19.13
N ASP B 228 -15.00 -2.34 18.82
CA ASP B 228 -13.70 -2.17 18.16
C ASP B 228 -13.94 -1.60 16.71
N PHE B 229 -14.98 -2.07 16.03
CA PHE B 229 -15.30 -1.56 14.71
C PHE B 229 -15.70 -0.07 14.80
N GLU B 230 -16.58 0.29 15.72
CA GLU B 230 -16.85 1.71 15.87
C GLU B 230 -15.59 2.59 16.18
N GLY B 231 -14.65 2.10 16.99
CA GLY B 231 -13.42 2.91 17.16
C GLY B 231 -12.63 3.15 15.90
N ALA B 232 -12.60 2.12 15.05
CA ALA B 232 -11.99 2.30 13.74
C ALA B 232 -12.71 3.39 12.97
N LEU B 233 -14.05 3.29 12.93
CA LEU B 233 -14.80 4.32 12.19
C LEU B 233 -14.60 5.73 12.78
N ASN B 234 -14.41 5.82 14.08
CA ASN B 234 -14.08 7.14 14.66
C ASN B 234 -12.71 7.68 14.21
N ALA B 235 -11.71 6.80 13.99
CA ALA B 235 -10.39 7.27 13.58
C ALA B 235 -10.55 7.90 12.22
N PHE B 236 -11.44 7.31 11.40
CA PHE B 236 -11.69 7.81 10.07
C PHE B 236 -12.30 9.20 10.17
N ALA B 237 -13.38 9.29 10.97
CA ALA B 237 -14.08 10.58 11.17
C ALA B 237 -13.17 11.69 11.68
N ASN B 238 -12.10 11.33 12.39
CA ASN B 238 -11.13 12.27 12.92
C ASN B 238 -9.98 12.45 11.90
#